data_2R5R
#
_entry.id   2R5R
#
_cell.length_a   118.705
_cell.length_b   118.705
_cell.length_c   113.210
_cell.angle_alpha   90.00
_cell.angle_beta   90.00
_cell.angle_gamma   120.00
#
_symmetry.space_group_name_H-M   'P 64 2 2'
#
loop_
_entity.id
_entity.type
_entity.pdbx_description
1 polymer 'UPF0343 protein NE1163'
2 non-polymer 'PHOSPHATE ION'
3 non-polymer IMIDAZOLE
#
_entity_poly.entity_id   1
_entity_poly.type   'polypeptide(L)'
_entity_poly.pdbx_seq_one_letter_code
;SNA(MSE)NKQIDLPIADVQGSLDTRHIAIDRVGIKAIRHPVVVADKGGGSQHTVAQFN(MSE)YVNLPHNFKGTH
(MSE)SRFVEILNSHEREISVESFEEILRS(MSE)VSRLESDSGHIE(MSE)AFPYFINKSAPVSGVKSLLDYEVTFIGE
IKHGNQYSFT(MSE)KVIVPVTSLCPCSKKISDYGAHNQRSHVTISVRTNSFIWIEDIIRIAEEQASCELYGLLKRPDEK
YVTERAYNNPKFVEDIVRDVAEVLNHDDRIDAYIVESENFESIHNHSAYALIERDKRIR
;
_entity_poly.pdbx_strand_id   A
#
loop_
_chem_comp.id
_chem_comp.type
_chem_comp.name
_chem_comp.formula
IMD non-polymer IMIDAZOLE 'C3 H5 N2 1'
PO4 non-polymer 'PHOSPHATE ION' 'O4 P -3'
#
# COMPACT_ATOMS: atom_id res chain seq x y z
N HIS A 23 -19.77 33.30 -0.70
CA HIS A 23 -20.52 33.23 -2.01
C HIS A 23 -20.43 31.84 -2.68
N ILE A 24 -19.21 31.30 -2.81
CA ILE A 24 -18.98 29.98 -3.40
C ILE A 24 -18.44 29.00 -2.36
N ALA A 25 -19.00 27.80 -2.30
CA ALA A 25 -18.59 26.80 -1.33
C ALA A 25 -17.23 26.19 -1.68
N ILE A 26 -16.35 26.13 -0.68
CA ILE A 26 -15.07 25.43 -0.78
C ILE A 26 -15.32 23.93 -0.73
N ASP A 27 -14.92 23.22 -1.78
CA ASP A 27 -15.13 21.77 -1.88
C ASP A 27 -14.29 21.02 -0.88
N ARG A 28 -13.00 21.36 -0.79
CA ARG A 28 -12.16 20.86 0.29
C ARG A 28 -11.01 21.76 0.69
N VAL A 29 -10.68 21.69 1.98
CA VAL A 29 -9.48 22.30 2.54
C VAL A 29 -8.74 21.26 3.35
N GLY A 30 -7.42 21.30 3.33
CA GLY A 30 -6.62 20.37 4.11
C GLY A 30 -5.16 20.72 4.11
N ILE A 31 -4.37 19.95 4.85
CA ILE A 31 -2.91 20.07 4.81
C ILE A 31 -2.30 18.76 4.30
N LYS A 32 -1.11 18.86 3.71
CA LYS A 32 -0.38 17.69 3.28
C LYS A 32 1.10 17.87 3.54
N ALA A 33 1.91 16.85 3.25
CA ALA A 33 3.36 16.89 3.43
C ALA A 33 3.73 17.24 4.88
N ILE A 34 3.43 16.31 5.79
CA ILE A 34 3.69 16.52 7.21
C ILE A 34 4.08 15.20 7.91
N ARG A 35 5.35 15.09 8.26
CA ARG A 35 5.87 13.91 8.93
C ARG A 35 5.42 13.85 10.40
N HIS A 36 5.31 12.63 10.93
CA HIS A 36 4.92 12.40 12.31
C HIS A 36 5.15 10.93 12.64
N PRO A 37 5.81 10.64 13.78
CA PRO A 37 6.05 9.25 14.19
C PRO A 37 4.77 8.44 14.37
N VAL A 38 4.83 7.17 13.98
CA VAL A 38 3.68 6.26 14.02
C VAL A 38 4.04 4.89 14.57
N VAL A 39 3.02 4.13 14.96
CA VAL A 39 3.18 2.75 15.43
C VAL A 39 2.22 1.78 14.71
N VAL A 40 2.76 0.65 14.25
CA VAL A 40 2.01 -0.33 13.47
C VAL A 40 2.31 -1.71 14.01
N ALA A 41 1.26 -2.52 14.22
CA ALA A 41 1.45 -3.86 14.76
C ALA A 41 1.91 -4.90 13.73
N ASP A 42 2.89 -5.73 14.12
CA ASP A 42 3.32 -6.88 13.32
C ASP A 42 2.34 -8.02 13.43
N LYS A 43 2.23 -8.82 12.37
CA LYS A 43 1.48 -10.07 12.43
C LYS A 43 2.15 -11.03 13.41
N GLY A 44 3.45 -11.21 13.27
CA GLY A 44 4.25 -11.93 14.26
C GLY A 44 4.33 -11.03 15.48
N GLY A 45 3.34 -11.16 16.36
CA GLY A 45 3.16 -10.32 17.56
C GLY A 45 4.19 -9.25 17.87
N GLY A 46 3.73 -8.01 17.93
CA GLY A 46 4.60 -6.88 18.25
C GLY A 46 4.11 -5.59 17.61
N SER A 47 5.05 -4.71 17.30
CA SER A 47 4.74 -3.46 16.59
C SER A 47 6.00 -2.75 16.10
N GLN A 48 5.85 -2.06 14.97
CA GLN A 48 6.94 -1.28 14.40
C GLN A 48 6.80 0.20 14.75
N HIS A 49 7.92 0.80 15.15
CA HIS A 49 7.96 2.22 15.48
C HIS A 49 8.68 2.94 14.35
N THR A 50 7.91 3.60 13.50
CA THR A 50 8.45 4.26 12.32
C THR A 50 7.90 5.69 12.16
N VAL A 51 7.96 6.23 10.95
CA VAL A 51 7.55 7.59 10.68
C VAL A 51 6.73 7.72 9.38
N ALA A 52 5.58 8.37 9.48
CA ALA A 52 4.64 8.48 8.36
C ALA A 52 4.46 9.90 7.85
N GLN A 53 4.24 10.00 6.54
CA GLN A 53 3.87 11.24 5.88
C GLN A 53 2.35 11.34 5.90
N PHE A 54 1.81 12.52 6.19
CA PHE A 54 0.36 12.67 6.35
C PHE A 54 -0.31 13.57 5.31
N ASN A 55 -1.59 13.28 5.06
CA ASN A 55 -2.45 14.10 4.23
C ASN A 55 -3.85 14.08 4.85
N MSE A 56 -4.30 15.25 5.31
CA MSE A 56 -5.62 15.38 5.91
C MSE A 56 -6.44 16.41 5.15
O MSE A 56 -5.90 17.39 4.66
CB MSE A 56 -5.50 15.81 7.37
CG MSE A 56 -4.81 14.81 8.26
SE MSE A 56 -3.99 15.64 9.83
CE MSE A 56 -5.60 15.96 10.89
N TYR A 57 -7.75 16.19 5.05
CA TYR A 57 -8.64 17.18 4.48
C TYR A 57 -10.11 16.94 4.84
N VAL A 58 -10.93 17.97 4.65
CA VAL A 58 -12.35 17.91 4.93
C VAL A 58 -13.15 18.51 3.78
N ASN A 59 -14.22 17.83 3.38
CA ASN A 59 -15.05 18.30 2.28
C ASN A 59 -16.17 19.20 2.74
N LEU A 60 -16.42 20.25 1.95
CA LEU A 60 -17.47 21.24 2.18
C LEU A 60 -17.52 21.78 3.61
N PRO A 61 -16.42 22.42 4.07
CA PRO A 61 -16.46 23.04 5.40
C PRO A 61 -17.35 24.28 5.41
N HIS A 62 -18.10 24.46 6.49
CA HIS A 62 -19.01 25.59 6.62
C HIS A 62 -18.37 26.72 7.41
N ASN A 63 -18.62 27.95 6.95
CA ASN A 63 -18.07 29.18 7.55
C ASN A 63 -16.57 29.10 7.87
N PHE A 64 -15.82 28.45 6.97
CA PHE A 64 -14.39 28.22 7.20
C PHE A 64 -13.59 29.51 7.15
N LYS A 65 -13.10 29.93 8.32
CA LYS A 65 -12.15 31.04 8.40
C LYS A 65 -10.73 30.51 8.14
N GLY A 66 -9.99 31.19 7.27
CA GLY A 66 -8.63 30.80 6.89
C GLY A 66 -7.66 30.54 8.04
N THR A 67 -7.96 31.13 9.19
CA THR A 67 -7.15 30.96 10.39
C THR A 67 -7.23 29.53 10.94
N HIS A 68 -8.37 28.87 10.71
CA HIS A 68 -8.65 27.52 11.21
C HIS A 68 -7.80 26.40 10.59
N MSE A 69 -6.90 26.75 9.68
CA MSE A 69 -6.03 25.75 9.04
C MSE A 69 -5.13 25.02 10.04
O MSE A 69 -4.84 23.84 9.86
CB MSE A 69 -5.16 26.40 7.95
CG MSE A 69 -5.77 26.33 6.55
SE MSE A 69 -6.00 24.52 5.83
CE MSE A 69 -6.48 25.03 4.01
N SER A 70 -4.72 25.71 11.10
CA SER A 70 -3.82 25.15 12.10
C SER A 70 -4.53 24.18 13.06
N ARG A 71 -5.82 23.96 12.84
CA ARG A 71 -6.58 22.98 13.62
C ARG A 71 -6.22 21.55 13.25
N PHE A 72 -5.84 21.33 11.99
CA PHE A 72 -5.36 20.03 11.54
C PHE A 72 -4.12 19.61 12.34
N VAL A 73 -3.17 20.54 12.45
CA VAL A 73 -1.92 20.32 13.17
C VAL A 73 -2.22 20.05 14.64
N GLU A 74 -3.20 20.76 15.18
CA GLU A 74 -3.67 20.56 16.55
C GLU A 74 -4.09 19.12 16.74
N ILE A 75 -5.04 18.67 15.92
CA ILE A 75 -5.60 17.33 15.98
C ILE A 75 -4.49 16.27 15.88
N LEU A 76 -3.53 16.50 14.99
CA LEU A 76 -2.43 15.57 14.76
C LEU A 76 -1.50 15.45 15.98
N ASN A 77 -1.37 16.55 16.72
CA ASN A 77 -0.48 16.59 17.90
C ASN A 77 -1.20 16.26 19.21
N SER A 78 -2.52 16.39 19.22
CA SER A 78 -3.33 16.23 20.43
C SER A 78 -3.40 14.78 20.92
N HIS A 79 -3.05 13.83 20.07
CA HIS A 79 -3.05 12.42 20.45
C HIS A 79 -1.70 12.01 21.07
N GLU A 80 -1.08 10.95 20.54
CA GLU A 80 0.16 10.46 21.12
C GLU A 80 1.40 10.99 20.43
N ARG A 81 2.57 10.73 21.03
CA ARG A 81 3.86 11.01 20.40
C ARG A 81 3.96 10.16 19.13
N GLU A 82 3.57 8.89 19.23
CA GLU A 82 3.49 8.00 18.09
C GLU A 82 2.02 7.67 17.83
N ILE A 83 1.53 8.07 16.66
CA ILE A 83 0.13 7.86 16.31
C ILE A 83 -0.13 6.41 15.90
N SER A 84 -1.18 5.84 16.51
CA SER A 84 -1.61 4.48 16.22
C SER A 84 -2.74 4.51 15.20
N VAL A 85 -2.98 3.38 14.55
CA VAL A 85 -4.09 3.25 13.60
C VAL A 85 -5.43 3.32 14.34
N GLU A 86 -5.42 2.92 15.61
CA GLU A 86 -6.60 2.99 16.48
C GLU A 86 -7.17 4.39 16.53
N SER A 87 -6.27 5.37 16.56
CA SER A 87 -6.62 6.77 16.71
C SER A 87 -7.47 7.34 15.56
N PHE A 88 -7.40 6.70 14.39
CA PHE A 88 -8.13 7.13 13.18
C PHE A 88 -9.61 7.43 13.41
N GLU A 89 -10.19 6.81 14.42
CA GLU A 89 -11.60 7.00 14.78
C GLU A 89 -11.86 8.43 15.30
N GLU A 90 -11.23 8.77 16.42
CA GLU A 90 -11.41 10.09 17.05
C GLU A 90 -10.82 11.20 16.19
N ILE A 91 -9.68 10.91 15.57
CA ILE A 91 -8.99 11.90 14.73
C ILE A 91 -9.94 12.43 13.67
N LEU A 92 -10.57 11.52 12.93
CA LEU A 92 -11.56 11.88 11.91
C LEU A 92 -12.80 12.52 12.51
N ARG A 93 -13.21 12.05 13.69
CA ARG A 93 -14.37 12.59 14.37
C ARG A 93 -14.11 14.05 14.80
N SER A 94 -12.94 14.28 15.39
CA SER A 94 -12.51 15.62 15.78
C SER A 94 -12.42 16.50 14.56
N MSE A 95 -11.82 15.96 13.50
CA MSE A 95 -11.58 16.70 12.29
C MSE A 95 -12.86 17.32 11.73
O MSE A 95 -12.94 18.54 11.57
CB MSE A 95 -10.96 15.76 11.26
CG MSE A 95 -9.65 16.24 10.71
SE MSE A 95 -8.92 14.93 9.49
CE MSE A 95 -8.49 13.51 10.72
N VAL A 96 -13.85 16.48 11.44
CA VAL A 96 -15.09 16.92 10.82
C VAL A 96 -15.92 17.84 11.70
N SER A 97 -15.83 17.66 13.01
CA SER A 97 -16.54 18.51 13.96
C SER A 97 -15.84 19.86 14.09
N ARG A 98 -14.54 19.83 14.40
CA ARG A 98 -13.73 21.04 14.58
C ARG A 98 -13.68 21.94 13.35
N LEU A 99 -14.12 21.40 12.20
CA LEU A 99 -14.09 22.14 10.94
C LEU A 99 -15.46 22.17 10.27
N GLU A 100 -16.49 21.75 11.01
CA GLU A 100 -17.89 21.83 10.59
C GLU A 100 -18.19 21.26 9.19
N SER A 101 -17.67 20.07 8.91
CA SER A 101 -18.00 19.35 7.69
C SER A 101 -18.48 17.96 8.09
N ASP A 102 -19.14 17.26 7.17
CA ASP A 102 -19.63 15.93 7.49
C ASP A 102 -18.91 14.81 6.72
N SER A 103 -17.84 15.18 6.02
CA SER A 103 -16.96 14.19 5.40
C SER A 103 -15.50 14.61 5.48
N GLY A 104 -14.68 13.68 5.98
CA GLY A 104 -13.25 13.89 6.17
C GLY A 104 -12.41 12.74 5.66
N HIS A 105 -11.09 12.94 5.64
CA HIS A 105 -10.16 12.01 5.03
C HIS A 105 -8.77 12.15 5.64
N ILE A 106 -8.19 11.04 6.07
CA ILE A 106 -6.80 11.01 6.54
C ILE A 106 -5.99 9.96 5.79
N GLU A 107 -4.67 10.14 5.79
CA GLU A 107 -3.77 9.33 5.00
C GLU A 107 -2.45 9.24 5.75
N MSE A 108 -1.87 8.05 5.77
CA MSE A 108 -0.71 7.76 6.60
C MSE A 108 0.22 6.83 5.83
O MSE A 108 0.00 5.61 5.79
CB MSE A 108 -1.19 7.15 7.92
CG MSE A 108 -0.14 6.60 8.86
SE MSE A 108 -0.99 5.98 10.51
CE MSE A 108 0.16 4.45 10.94
N ALA A 109 1.25 7.39 5.20
CA ALA A 109 2.16 6.62 4.38
C ALA A 109 3.51 6.45 5.06
N PHE A 110 3.95 5.21 5.18
CA PHE A 110 5.17 4.89 5.93
C PHE A 110 5.85 3.66 5.34
N PRO A 111 7.18 3.55 5.51
CA PRO A 111 7.87 2.29 5.24
C PRO A 111 7.54 1.22 6.28
N TYR A 112 7.39 -0.02 5.80
CA TYR A 112 7.09 -1.17 6.66
C TYR A 112 8.04 -2.31 6.35
N PHE A 113 8.54 -2.96 7.40
CA PHE A 113 9.59 -3.98 7.26
C PHE A 113 9.13 -5.39 7.59
N ILE A 114 9.51 -6.34 6.73
CA ILE A 114 9.38 -7.76 7.03
C ILE A 114 10.76 -8.41 6.97
N ASN A 115 11.08 -9.20 8.00
CA ASN A 115 12.32 -9.96 8.03
C ASN A 115 12.12 -11.31 7.33
N LYS A 116 12.53 -11.37 6.07
CA LYS A 116 12.25 -12.51 5.20
C LYS A 116 13.36 -13.55 5.30
N SER A 117 13.01 -14.82 5.14
CA SER A 117 13.99 -15.90 5.14
C SER A 117 14.31 -16.30 3.71
N ALA A 118 15.59 -16.22 3.36
CA ALA A 118 16.05 -16.68 2.04
C ALA A 118 15.44 -18.06 1.75
N PRO A 119 14.92 -18.26 0.51
CA PRO A 119 14.06 -19.41 0.20
C PRO A 119 14.73 -20.79 0.36
N VAL A 120 16.05 -20.85 0.21
CA VAL A 120 16.78 -22.12 0.38
C VAL A 120 17.64 -22.10 1.65
N SER A 121 18.38 -21.01 1.85
CA SER A 121 19.31 -20.88 2.98
C SER A 121 18.61 -20.61 4.30
N GLY A 122 17.53 -19.85 4.25
CA GLY A 122 16.85 -19.40 5.47
C GLY A 122 17.47 -18.14 6.05
N VAL A 123 18.46 -17.59 5.36
CA VAL A 123 19.20 -16.40 5.79
C VAL A 123 18.28 -15.17 5.81
N LYS A 124 18.04 -14.64 7.01
CA LYS A 124 17.10 -13.53 7.20
C LYS A 124 17.68 -12.19 6.79
N SER A 125 16.84 -11.38 6.13
CA SER A 125 17.17 -10.00 5.78
C SER A 125 15.89 -9.19 5.68
N LEU A 126 15.97 -7.91 6.01
CA LEU A 126 14.81 -7.02 5.99
C LEU A 126 14.42 -6.61 4.58
N LEU A 127 13.12 -6.49 4.36
CA LEU A 127 12.60 -5.90 3.13
C LEU A 127 11.56 -4.83 3.47
N ASP A 128 11.66 -3.68 2.80
CA ASP A 128 10.78 -2.57 3.07
C ASP A 128 9.69 -2.43 2.02
N TYR A 129 8.49 -2.08 2.49
CA TYR A 129 7.35 -1.85 1.62
C TYR A 129 6.74 -0.50 1.98
N GLU A 130 6.27 0.23 0.97
CA GLU A 130 5.58 1.49 1.20
C GLU A 130 4.10 1.27 1.45
N VAL A 131 3.72 1.27 2.72
CA VAL A 131 2.34 1.06 3.14
C VAL A 131 1.68 2.39 3.43
N THR A 132 0.40 2.50 3.07
CA THR A 132 -0.38 3.69 3.39
C THR A 132 -1.79 3.35 3.86
N PHE A 133 -2.11 3.77 5.09
CA PHE A 133 -3.46 3.61 5.65
C PHE A 133 -4.28 4.85 5.39
N ILE A 134 -5.51 4.65 4.94
CA ILE A 134 -6.38 5.74 4.54
C ILE A 134 -7.71 5.65 5.31
N GLY A 135 -8.00 6.71 6.06
CA GLY A 135 -9.27 6.81 6.79
C GLY A 135 -10.27 7.67 6.05
N GLU A 136 -11.55 7.37 6.23
CA GLU A 136 -12.64 8.09 5.57
C GLU A 136 -13.83 8.17 6.52
N ILE A 137 -14.48 9.32 6.56
CA ILE A 137 -15.73 9.46 7.30
C ILE A 137 -16.72 10.29 6.50
N LYS A 138 -17.89 9.71 6.23
CA LYS A 138 -18.91 10.34 5.41
C LYS A 138 -20.24 10.45 6.14
N HIS A 139 -21.20 11.12 5.50
CA HIS A 139 -22.56 11.32 6.03
C HIS A 139 -22.59 11.33 7.56
N GLY A 140 -21.87 12.30 8.13
CA GLY A 140 -21.82 12.47 9.56
C GLY A 140 -20.83 11.57 10.24
N ASN A 141 -21.14 10.27 10.31
CA ASN A 141 -20.41 9.35 11.18
C ASN A 141 -19.99 8.01 10.57
N GLN A 142 -20.27 7.82 9.28
CA GLN A 142 -19.96 6.54 8.63
C GLN A 142 -18.49 6.41 8.25
N TYR A 143 -17.75 5.65 9.04
CA TYR A 143 -16.31 5.47 8.87
C TYR A 143 -16.02 4.34 7.87
N SER A 144 -14.85 4.41 7.23
CA SER A 144 -14.39 3.33 6.32
C SER A 144 -12.87 3.33 6.16
N PHE A 145 -12.28 2.13 6.26
CA PHE A 145 -10.83 1.98 6.24
C PHE A 145 -10.34 1.42 4.91
N THR A 146 -9.20 1.91 4.46
CA THR A 146 -8.56 1.45 3.24
C THR A 146 -7.07 1.39 3.47
N MSE A 147 -6.45 0.29 3.04
CA MSE A 147 -5.00 0.19 3.09
C MSE A 147 -4.42 -0.07 1.71
O MSE A 147 -5.05 -0.70 0.87
CB MSE A 147 -4.52 -0.84 4.12
CG MSE A 147 -4.73 -2.30 3.77
SE MSE A 147 -4.38 -3.39 5.36
CE MSE A 147 -6.20 -3.58 6.03
N LYS A 148 -3.22 0.45 1.49
CA LYS A 148 -2.55 0.38 0.21
C LYS A 148 -1.10 -0.04 0.44
N VAL A 149 -0.60 -0.93 -0.43
CA VAL A 149 0.78 -1.43 -0.32
C VAL A 149 1.45 -1.37 -1.68
N ILE A 150 2.65 -0.81 -1.73
CA ILE A 150 3.46 -0.89 -2.95
C ILE A 150 4.58 -1.91 -2.72
N VAL A 151 4.33 -3.13 -3.16
CA VAL A 151 5.25 -4.25 -2.95
C VAL A 151 6.17 -4.47 -4.16
N PRO A 152 7.49 -4.52 -3.92
CA PRO A 152 8.45 -4.71 -5.00
C PRO A 152 8.64 -6.18 -5.33
N VAL A 153 8.50 -6.51 -6.60
CA VAL A 153 8.71 -7.87 -7.08
C VAL A 153 9.61 -7.87 -8.31
N THR A 154 10.16 -9.04 -8.62
CA THR A 154 10.87 -9.24 -9.88
C THR A 154 9.93 -9.94 -10.84
N SER A 155 9.94 -9.50 -12.10
CA SER A 155 9.07 -10.10 -13.10
C SER A 155 9.80 -10.40 -14.41
N LEU A 156 9.64 -11.64 -14.87
CA LEU A 156 10.12 -12.06 -16.18
C LEU A 156 8.88 -12.08 -17.09
N CYS A 157 8.97 -11.45 -18.25
CA CYS A 157 7.84 -11.49 -19.19
C CYS A 157 8.01 -12.62 -20.21
N PRO A 158 6.95 -13.44 -20.42
CA PRO A 158 7.04 -14.69 -21.20
C PRO A 158 7.38 -14.50 -22.67
N CYS A 159 7.47 -13.24 -23.09
CA CYS A 159 7.86 -12.88 -24.44
C CYS A 159 9.30 -13.30 -24.75
N SER A 160 10.24 -12.79 -23.96
CA SER A 160 11.66 -13.13 -24.09
C SER A 160 11.90 -14.63 -23.93
N LYS A 161 11.24 -15.22 -22.92
CA LYS A 161 11.25 -16.66 -22.68
C LYS A 161 10.96 -17.45 -23.97
N LYS A 162 9.98 -17.00 -24.74
CA LYS A 162 9.55 -17.67 -25.97
C LYS A 162 10.55 -17.53 -27.14
N ILE A 163 10.86 -16.28 -27.52
CA ILE A 163 11.64 -16.00 -28.74
C ILE A 163 13.15 -16.27 -28.62
N SER A 164 13.78 -15.74 -27.58
CA SER A 164 15.22 -15.96 -27.38
C SER A 164 15.49 -17.37 -26.84
N ASP A 165 16.53 -18.00 -27.38
CA ASP A 165 16.86 -19.40 -27.08
C ASP A 165 17.38 -19.60 -25.65
N TYR A 166 18.16 -18.64 -25.17
CA TYR A 166 18.79 -18.70 -23.84
C TYR A 166 18.72 -17.34 -23.15
N GLY A 167 18.34 -17.35 -21.88
CA GLY A 167 18.18 -16.13 -21.10
C GLY A 167 16.94 -15.35 -21.51
N ALA A 168 16.17 -14.91 -20.51
CA ALA A 168 15.02 -14.05 -20.73
C ALA A 168 15.14 -12.82 -19.85
N HIS A 169 14.80 -11.65 -20.39
CA HIS A 169 14.99 -10.40 -19.64
C HIS A 169 13.91 -10.22 -18.58
N ASN A 170 14.35 -9.83 -17.39
CA ASN A 170 13.46 -9.54 -16.26
C ASN A 170 13.69 -8.12 -15.73
N GLN A 171 12.79 -7.64 -14.88
CA GLN A 171 12.90 -6.30 -14.30
C GLN A 171 12.35 -6.23 -12.88
N ARG A 172 12.58 -5.09 -12.22
CA ARG A 172 11.93 -4.81 -10.95
C ARG A 172 10.52 -4.30 -11.27
N SER A 173 9.55 -4.75 -10.49
CA SER A 173 8.18 -4.33 -10.67
C SER A 173 7.57 -3.89 -9.35
N HIS A 174 6.54 -3.06 -9.44
CA HIS A 174 5.82 -2.58 -8.29
C HIS A 174 4.37 -3.02 -8.38
N VAL A 175 3.99 -4.00 -7.56
CA VAL A 175 2.60 -4.38 -7.46
C VAL A 175 1.94 -3.53 -6.37
N THR A 176 1.09 -2.61 -6.78
CA THR A 176 0.35 -1.78 -5.85
C THR A 176 -1.06 -2.35 -5.68
N ILE A 177 -1.42 -2.62 -4.43
CA ILE A 177 -2.75 -3.09 -4.09
C ILE A 177 -3.35 -2.14 -3.07
N SER A 178 -4.45 -1.50 -3.44
CA SER A 178 -5.26 -0.76 -2.47
C SER A 178 -6.60 -1.45 -2.31
N VAL A 179 -7.05 -1.52 -1.06
CA VAL A 179 -8.15 -2.39 -0.68
C VAL A 179 -9.08 -1.69 0.31
N ARG A 180 -10.34 -1.50 -0.08
CA ARG A 180 -11.36 -1.03 0.84
C ARG A 180 -11.80 -2.20 1.70
N THR A 181 -11.38 -2.18 2.96
CA THR A 181 -11.57 -3.32 3.86
C THR A 181 -12.84 -3.21 4.70
N ASN A 182 -13.48 -4.33 4.99
CA ASN A 182 -14.67 -4.37 5.86
C ASN A 182 -14.47 -5.17 7.16
N SER A 183 -13.30 -5.79 7.29
CA SER A 183 -12.89 -6.47 8.53
C SER A 183 -11.40 -6.21 8.69
N PHE A 184 -10.80 -6.80 9.73
CA PHE A 184 -9.37 -6.66 9.92
C PHE A 184 -8.60 -7.53 8.93
N ILE A 185 -7.57 -6.96 8.31
CA ILE A 185 -6.61 -7.72 7.51
C ILE A 185 -5.19 -7.31 7.90
N TRP A 186 -4.34 -8.30 8.14
CA TRP A 186 -2.92 -8.03 8.33
C TRP A 186 -2.34 -7.50 7.03
N ILE A 187 -1.54 -6.46 7.16
CA ILE A 187 -0.88 -5.88 6.00
C ILE A 187 0.02 -6.92 5.33
N GLU A 188 0.57 -7.82 6.14
CA GLU A 188 1.41 -8.91 5.67
C GLU A 188 0.70 -9.85 4.70
N ASP A 189 -0.59 -10.07 4.93
CA ASP A 189 -1.40 -10.94 4.08
C ASP A 189 -1.52 -10.41 2.67
N ILE A 190 -1.79 -9.11 2.56
CA ILE A 190 -1.91 -8.45 1.26
C ILE A 190 -0.57 -8.44 0.53
N ILE A 191 0.50 -8.25 1.30
CA ILE A 191 1.86 -8.36 0.76
C ILE A 191 2.06 -9.75 0.14
N ARG A 192 1.69 -10.79 0.88
CA ARG A 192 1.86 -12.17 0.40
C ARG A 192 1.10 -12.45 -0.88
N ILE A 193 -0.15 -12.01 -0.94
CA ILE A 193 -0.98 -12.16 -2.15
C ILE A 193 -0.21 -11.68 -3.38
N ALA A 194 0.42 -10.52 -3.26
CA ALA A 194 1.22 -9.95 -4.34
C ALA A 194 2.49 -10.75 -4.58
N GLU A 195 3.17 -11.13 -3.51
CA GLU A 195 4.45 -11.82 -3.62
C GLU A 195 4.29 -13.23 -4.19
N GLU A 196 3.22 -13.92 -3.80
CA GLU A 196 2.91 -15.26 -4.31
C GLU A 196 2.59 -15.24 -5.80
N GLN A 197 1.96 -14.15 -6.23
CA GLN A 197 1.39 -14.07 -7.57
C GLN A 197 2.40 -13.55 -8.59
N ALA A 198 3.52 -13.04 -8.10
CA ALA A 198 4.58 -12.49 -8.96
C ALA A 198 5.39 -13.60 -9.62
N SER A 199 6.19 -13.24 -10.61
CA SER A 199 7.13 -14.18 -11.21
C SER A 199 7.98 -14.77 -10.10
N CYS A 200 8.57 -13.88 -9.30
CA CYS A 200 9.32 -14.25 -8.11
C CYS A 200 9.33 -13.06 -7.15
N GLU A 201 9.53 -13.33 -5.86
CA GLU A 201 9.58 -12.27 -4.86
C GLU A 201 11.01 -11.81 -4.57
N LEU A 202 11.15 -10.60 -4.04
CA LEU A 202 12.45 -10.05 -3.67
C LEU A 202 12.83 -10.45 -2.26
N TYR A 203 14.13 -10.61 -2.02
CA TYR A 203 14.62 -11.07 -0.72
C TYR A 203 15.59 -10.14 0.00
N GLY A 204 16.48 -9.49 -0.75
CA GLY A 204 17.42 -8.54 -0.16
C GLY A 204 18.78 -9.15 0.13
N LEU A 205 18.79 -10.36 0.67
CA LEU A 205 20.03 -11.13 0.81
C LEU A 205 19.90 -12.56 0.28
N LEU A 206 20.72 -12.87 -0.73
CA LEU A 206 20.69 -14.16 -1.39
C LEU A 206 22.04 -14.86 -1.30
N LYS A 207 22.02 -16.10 -0.84
CA LYS A 207 23.20 -16.95 -0.85
C LYS A 207 23.34 -17.55 -2.25
N ARG A 208 24.40 -18.32 -2.47
CA ARG A 208 24.60 -19.00 -3.76
C ARG A 208 23.44 -19.94 -4.15
N PRO A 209 23.00 -20.83 -3.22
CA PRO A 209 21.85 -21.70 -3.52
C PRO A 209 20.54 -20.94 -3.72
N ASP A 210 20.40 -19.81 -3.02
CA ASP A 210 19.20 -18.98 -3.10
C ASP A 210 19.03 -18.36 -4.48
N GLU A 211 20.10 -17.75 -4.99
CA GLU A 211 20.07 -17.09 -6.30
C GLU A 211 19.84 -18.11 -7.42
N LYS A 212 20.39 -19.31 -7.25
CA LYS A 212 20.15 -20.42 -8.17
C LYS A 212 18.64 -20.71 -8.22
N TYR A 213 18.01 -20.73 -7.05
CA TYR A 213 16.57 -20.99 -6.95
C TYR A 213 15.74 -19.90 -7.62
N VAL A 214 15.84 -18.68 -7.12
CA VAL A 214 14.96 -17.57 -7.53
C VAL A 214 15.03 -17.24 -9.03
N THR A 215 16.21 -17.39 -9.62
CA THR A 215 16.41 -17.11 -11.05
C THR A 215 15.69 -18.17 -11.90
N GLU A 216 15.75 -19.42 -11.46
CA GLU A 216 15.07 -20.51 -12.12
C GLU A 216 13.57 -20.50 -11.83
N ARG A 217 13.23 -20.18 -10.58
CA ARG A 217 11.84 -20.03 -10.13
C ARG A 217 11.09 -18.99 -10.95
N ALA A 218 11.74 -17.87 -11.24
CA ALA A 218 11.17 -16.79 -12.05
C ALA A 218 11.09 -17.17 -13.53
N TYR A 219 12.11 -17.87 -14.02
CA TYR A 219 12.16 -18.33 -15.40
C TYR A 219 11.04 -19.34 -15.70
N ASN A 220 10.73 -20.18 -14.71
CA ASN A 220 9.69 -21.19 -14.85
C ASN A 220 8.30 -20.64 -14.50
N ASN A 221 8.25 -19.38 -14.09
CA ASN A 221 6.99 -18.72 -13.77
C ASN A 221 6.89 -17.30 -14.38
N PRO A 222 6.95 -17.20 -15.73
CA PRO A 222 6.92 -15.86 -16.34
C PRO A 222 5.50 -15.32 -16.46
N LYS A 223 5.34 -14.03 -16.16
CA LYS A 223 4.05 -13.35 -16.26
C LYS A 223 4.19 -11.96 -16.84
N PHE A 224 3.29 -11.63 -17.77
CA PHE A 224 3.18 -10.26 -18.28
C PHE A 224 2.57 -9.35 -17.20
N VAL A 225 2.71 -8.05 -17.41
CA VAL A 225 2.19 -7.03 -16.50
C VAL A 225 0.68 -7.23 -16.28
N GLU A 226 -0.05 -7.61 -17.33
CA GLU A 226 -1.48 -7.87 -17.26
C GLU A 226 -1.80 -9.19 -16.57
N ASP A 227 -0.88 -10.15 -16.70
CA ASP A 227 -1.06 -11.47 -16.10
C ASP A 227 -1.00 -11.39 -14.58
N ILE A 228 -0.10 -10.56 -14.06
CA ILE A 228 0.02 -10.38 -12.63
C ILE A 228 -1.24 -9.74 -12.05
N VAL A 229 -1.65 -8.61 -12.62
CA VAL A 229 -2.83 -7.87 -12.10
C VAL A 229 -4.10 -8.72 -12.16
N ARG A 230 -4.18 -9.59 -13.16
CA ARG A 230 -5.31 -10.48 -13.35
C ARG A 230 -5.35 -11.54 -12.26
N ASP A 231 -4.19 -12.15 -12.01
CA ASP A 231 -4.05 -13.19 -11.00
C ASP A 231 -4.26 -12.67 -9.58
N VAL A 232 -3.90 -11.41 -9.33
CA VAL A 232 -4.12 -10.79 -8.04
C VAL A 232 -5.61 -10.46 -7.87
N ALA A 233 -6.19 -9.82 -8.88
CA ALA A 233 -7.61 -9.44 -8.85
C ALA A 233 -8.47 -10.64 -8.51
N GLU A 234 -8.12 -11.78 -9.09
CA GLU A 234 -8.88 -13.01 -8.93
C GLU A 234 -8.86 -13.49 -7.48
N VAL A 235 -7.72 -13.35 -6.82
CA VAL A 235 -7.60 -13.69 -5.40
C VAL A 235 -8.45 -12.73 -4.56
N LEU A 236 -8.49 -11.45 -4.95
CA LEU A 236 -9.17 -10.42 -4.16
C LEU A 236 -10.68 -10.43 -4.35
N ASN A 237 -11.14 -10.97 -5.48
CA ASN A 237 -12.57 -11.09 -5.75
C ASN A 237 -13.28 -11.96 -4.74
N HIS A 238 -12.55 -12.92 -4.19
CA HIS A 238 -13.16 -13.94 -3.36
C HIS A 238 -12.98 -13.74 -1.87
N ASP A 239 -12.14 -12.78 -1.49
CA ASP A 239 -11.96 -12.41 -0.09
C ASP A 239 -13.14 -11.57 0.33
N ASP A 240 -13.87 -12.05 1.34
CA ASP A 240 -15.10 -11.38 1.76
C ASP A 240 -14.85 -10.17 2.66
N ARG A 241 -13.58 -9.94 3.01
CA ARG A 241 -13.20 -8.80 3.82
C ARG A 241 -12.92 -7.58 2.95
N ILE A 242 -12.94 -7.77 1.65
CA ILE A 242 -12.59 -6.73 0.70
C ILE A 242 -13.83 -6.29 -0.08
N ASP A 243 -14.18 -5.01 0.06
CA ASP A 243 -15.36 -4.44 -0.59
C ASP A 243 -15.04 -3.89 -1.98
N ALA A 244 -13.85 -3.32 -2.11
CA ALA A 244 -13.39 -2.72 -3.36
C ALA A 244 -11.87 -2.76 -3.38
N TYR A 245 -11.31 -2.80 -4.58
CA TYR A 245 -9.85 -2.87 -4.73
C TYR A 245 -9.35 -2.23 -6.01
N ILE A 246 -8.11 -1.77 -5.96
CA ILE A 246 -7.37 -1.35 -7.14
C ILE A 246 -6.07 -2.16 -7.16
N VAL A 247 -5.78 -2.81 -8.28
CA VAL A 247 -4.52 -3.53 -8.44
C VAL A 247 -3.76 -2.94 -9.61
N GLU A 248 -2.51 -2.55 -9.38
CA GLU A 248 -1.66 -2.06 -10.44
C GLU A 248 -0.26 -2.63 -10.31
N SER A 249 0.27 -3.12 -11.42
CA SER A 249 1.68 -3.49 -11.49
C SER A 249 2.32 -2.70 -12.60
N GLU A 250 3.58 -2.33 -12.40
CA GLU A 250 4.32 -1.62 -13.43
C GLU A 250 5.79 -2.04 -13.50
N ASN A 251 6.24 -2.30 -14.73
CA ASN A 251 7.62 -2.67 -14.99
C ASN A 251 8.48 -1.43 -15.16
N PHE A 252 9.65 -1.45 -14.55
CA PHE A 252 10.67 -0.45 -14.85
C PHE A 252 11.60 -1.06 -15.91
N GLU A 253 11.08 -1.14 -17.13
CA GLU A 253 11.66 -1.83 -18.29
C GLU A 253 13.18 -1.92 -18.34
N SER A 254 13.69 -3.15 -18.31
CA SER A 254 15.13 -3.42 -18.39
C SER A 254 15.74 -3.07 -19.74
N ILE A 255 14.93 -3.11 -20.80
CA ILE A 255 15.43 -2.86 -22.15
C ILE A 255 14.71 -1.73 -22.92
N HIS A 256 14.14 -0.76 -22.19
CA HIS A 256 13.31 0.27 -22.83
C HIS A 256 13.39 1.71 -22.29
N ASN A 257 13.75 1.88 -21.01
CA ASN A 257 13.88 3.21 -20.40
C ASN A 257 12.55 3.93 -20.12
N HIS A 258 11.43 3.24 -20.33
CA HIS A 258 10.13 3.75 -19.91
C HIS A 258 9.48 2.76 -18.95
N SER A 259 8.21 3.00 -18.61
CA SER A 259 7.45 2.11 -17.72
C SER A 259 6.12 1.69 -18.35
N ALA A 260 5.85 0.40 -18.36
CA ALA A 260 4.55 -0.12 -18.75
C ALA A 260 3.78 -0.49 -17.51
N TYR A 261 2.46 -0.29 -17.54
CA TYR A 261 1.61 -0.69 -16.42
C TYR A 261 0.27 -1.25 -16.88
N ALA A 262 -0.30 -2.10 -16.06
CA ALA A 262 -1.66 -2.58 -16.23
C ALA A 262 -2.40 -2.34 -14.94
N LEU A 263 -3.73 -2.25 -15.02
CA LEU A 263 -4.52 -1.89 -13.86
C LEU A 263 -5.91 -2.52 -13.91
N ILE A 264 -6.36 -3.00 -12.76
CA ILE A 264 -7.71 -3.50 -12.58
C ILE A 264 -8.32 -2.87 -11.33
N GLU A 265 -9.62 -2.64 -11.39
CA GLU A 265 -10.37 -2.02 -10.30
C GLU A 265 -11.80 -2.54 -10.31
N ARG A 266 -12.30 -2.90 -9.13
CA ARG A 266 -13.66 -3.42 -9.04
C ARG A 266 -14.29 -3.04 -7.71
N ASP A 267 -15.61 -2.87 -7.72
CA ASP A 267 -16.39 -2.67 -6.51
C ASP A 267 -17.38 -3.82 -6.36
N LYS A 268 -17.62 -4.24 -5.11
CA LYS A 268 -18.48 -5.37 -4.85
C LYS A 268 -19.71 -4.98 -4.03
P PO4 B . -1.69 -12.05 -22.02
O1 PO4 B . -0.36 -11.92 -21.31
O2 PO4 B . -2.34 -13.35 -21.58
O3 PO4 B . -2.59 -10.90 -21.67
O4 PO4 B . -1.45 -12.07 -23.51
N1 IMD C . -2.54 -4.26 9.34
C2 IMD C . -3.72 -3.69 9.67
N3 IMD C . -3.60 -3.06 10.86
C4 IMD C . -2.32 -3.24 11.29
C5 IMD C . -1.66 -3.99 10.33
#